data_9BA2
#
_entry.id   9BA2
#
_cell.length_a   47.597
_cell.length_b   83.185
_cell.length_c   158.152
_cell.angle_alpha   90.000
_cell.angle_beta   90.000
_cell.angle_gamma   90.000
#
_symmetry.space_group_name_H-M   'P 21 21 21'
#
loop_
_entity.id
_entity.type
_entity.pdbx_description
1 polymer 'DDB1- and CUL4-associated factor 1'
2 polymer 'WD repeat-containing protein 5'
3 non-polymer IMIDAZOLE
4 water water
#
loop_
_entity_poly.entity_id
_entity_poly.type
_entity_poly.pdbx_seq_one_letter_code
_entity_poly.pdbx_strand_id
1 'polypeptide(L)'
;MGSSHHHHHHSSGRENLYFQGSSRASAFRPISVFREANEDESGFTCCAFSARERFLMLGTCTGQLKLYNVFSGQEEASYN
CHNSAITHLEPSRDGSLLLTSATWSQPLSALWGMKSVFDMKHSFTEDHYVEFSKHSQDRVIGTKGDIAHIYDIQTGNKLL
TLFNPDLANNYKRNCATFNPTDDLVLNDGVLWDVRSAQAIHKFDKFNMNISGVFHPNGLEVIINTEIWDLRTFHLLHTVP
ALDQCRVVFNHTGTVMYGAMLQADDEDDLMEERMKSPFGSSFRTFNATDYKPIATIDVKRNIFDLCTDTKDCYLAVIENQ
GSMDALNMDTVCRLYEVG
;
A
2 'polypeptide(L)'
;MHHHHHHSSGRENLYFQGTQSKPTPVKPNYALKFTLAGHTKAVSSVKFSPNGEWLASSSADKLIKIWGAYDGKFEKTISG
HKLGISDVAWSSDSNLLVSASDDKTLKIWDVSSGKCLKTLKGHSNYVFCCNFNPQSNLIVSGSFDESVRIWDVKTGKCLK
TLPAHSDPVSAVHFNRDGSLIVSSSYDGLCRIWDTASGQCLKTLIDDDNPPVSFVKFSPNGKYILAATLDNTLKLWDYSK
GKCLKTYTGHKNEKYCIFANFSVTGGKWIVSGSEDNLVYIWNLQTKEIVQKLQGHTDVVISTACHPTENIIASAALENDK
TIKLWKSDC
;
B
#
# COMPACT_ATOMS: atom_id res chain seq x y z
N ALA A 25 1.25 12.90 36.31
CA ALA A 25 0.62 12.06 35.29
C ALA A 25 0.98 10.57 35.45
N SER A 26 0.55 9.98 36.56
CA SER A 26 0.73 8.56 36.86
C SER A 26 -0.55 7.81 37.08
N ALA A 27 -1.66 8.48 37.40
CA ALA A 27 -2.97 7.86 37.60
C ALA A 27 -3.87 8.19 36.41
N PHE A 28 -4.73 7.24 36.08
CA PHE A 28 -5.48 7.34 34.84
C PHE A 28 -6.83 6.69 35.12
N ARG A 29 -7.83 7.53 35.36
CA ARG A 29 -9.15 7.05 35.72
C ARG A 29 -10.03 6.93 34.49
N PRO A 30 -10.59 5.77 34.19
CA PRO A 30 -11.57 5.70 33.12
C PRO A 30 -12.72 6.69 33.37
N ILE A 31 -13.09 7.43 32.32
CA ILE A 31 -14.11 8.48 32.38
C ILE A 31 -15.28 8.16 31.44
N SER A 32 -15.01 7.79 30.19
CA SER A 32 -16.02 7.14 29.36
C SER A 32 -15.36 6.33 28.26
N VAL A 33 -16.14 5.40 27.65
CA VAL A 33 -15.78 4.64 26.45
C VAL A 33 -16.88 4.74 25.43
N PHE A 34 -16.50 4.65 24.17
CA PHE A 34 -17.52 4.44 23.16
C PHE A 34 -16.88 3.71 21.98
N ARG A 35 -17.70 2.99 21.22
CA ARG A 35 -17.25 2.33 19.99
C ARG A 35 -17.90 3.00 18.79
N GLU A 36 -17.47 2.63 17.58
CA GLU A 36 -18.04 3.25 16.38
C GLU A 36 -19.49 2.81 16.17
N ALA A 37 -20.36 3.78 15.96
CA ALA A 37 -21.80 3.53 15.96
C ALA A 37 -22.23 2.82 14.69
N ASN A 38 -23.13 1.87 14.86
CA ASN A 38 -23.77 1.15 13.76
C ASN A 38 -22.84 0.14 13.11
N GLU A 39 -21.70 -0.16 13.73
CA GLU A 39 -20.62 -0.93 13.11
C GLU A 39 -20.26 -2.10 14.01
N ASP A 40 -20.56 -3.33 13.56
CA ASP A 40 -20.25 -4.49 14.39
C ASP A 40 -18.77 -4.54 14.73
N GLU A 41 -17.92 -4.15 13.78
CA GLU A 41 -16.47 -4.07 13.98
C GLU A 41 -16.06 -2.60 13.98
N SER A 42 -15.95 -2.04 15.17
CA SER A 42 -15.69 -0.62 15.30
C SER A 42 -14.32 -0.29 14.70
N GLY A 43 -14.29 0.77 13.90
CA GLY A 43 -13.11 1.04 13.11
C GLY A 43 -12.40 2.34 13.39
N PHE A 44 -12.61 2.95 14.56
CA PHE A 44 -11.81 4.11 14.96
C PHE A 44 -10.35 3.75 14.80
N THR A 45 -9.58 4.64 14.14
CA THR A 45 -8.13 4.45 14.00
C THR A 45 -7.27 5.63 14.40
N CYS A 46 -7.85 6.81 14.61
CA CYS A 46 -7.08 7.87 15.26
C CYS A 46 -8.05 8.88 15.89
N CYS A 47 -7.51 9.69 16.80
CA CYS A 47 -8.32 10.65 17.54
C CYS A 47 -7.53 11.92 17.79
N ALA A 48 -8.28 12.98 18.03
CA ALA A 48 -7.79 14.33 18.31
C ALA A 48 -8.95 15.15 18.87
N PHE A 49 -8.75 15.79 20.01
CA PHE A 49 -9.77 16.70 20.53
C PHE A 49 -9.99 17.86 19.57
N SER A 50 -11.24 18.08 19.18
CA SER A 50 -11.54 19.23 18.35
C SER A 50 -11.50 20.50 19.22
N ALA A 51 -11.49 21.66 18.57
CA ALA A 51 -11.48 22.92 19.31
C ALA A 51 -12.78 23.11 20.08
N ARG A 52 -13.86 22.49 19.62
CA ARG A 52 -15.14 22.50 20.33
C ARG A 52 -15.00 21.69 21.61
N GLU A 53 -15.78 22.04 22.63
CA GLU A 53 -15.44 21.58 23.96
C GLU A 53 -15.50 20.08 24.13
N ARG A 54 -16.70 19.50 24.08
CA ARG A 54 -16.89 18.14 24.58
C ARG A 54 -16.76 17.09 23.49
N PHE A 55 -15.91 17.34 22.50
CA PHE A 55 -15.99 16.60 21.25
C PHE A 55 -14.61 16.20 20.78
N LEU A 56 -14.54 14.98 20.28
CA LEU A 56 -13.33 14.37 19.76
C LEU A 56 -13.57 14.03 18.30
N MET A 57 -12.54 14.21 17.49
CA MET A 57 -12.58 13.77 16.11
C MET A 57 -11.87 12.43 16.04
N LEU A 58 -12.54 11.46 15.44
CA LEU A 58 -11.88 10.19 15.18
C LEU A 58 -11.96 9.93 13.69
N GLY A 59 -10.79 9.72 13.06
CA GLY A 59 -10.77 9.08 11.77
C GLY A 59 -11.04 7.60 11.90
N THR A 60 -11.47 6.98 10.81
CA THR A 60 -11.80 5.56 10.87
C THR A 60 -11.04 4.79 9.81
N CYS A 61 -11.01 3.47 10.00
CA CYS A 61 -10.25 2.53 9.18
C CYS A 61 -10.74 2.52 7.75
N THR A 62 -11.74 3.33 7.43
CA THR A 62 -12.34 3.28 6.12
C THR A 62 -12.54 4.68 5.54
N GLY A 63 -11.58 5.56 5.74
CA GLY A 63 -11.61 6.87 5.12
C GLY A 63 -12.45 7.90 5.82
N GLN A 64 -13.18 7.54 6.86
CA GLN A 64 -14.18 8.47 7.35
C GLN A 64 -13.65 9.28 8.53
N LEU A 65 -14.28 10.44 8.73
CA LEU A 65 -13.93 11.33 9.82
C LEU A 65 -15.19 11.54 10.62
N LYS A 66 -15.21 11.06 11.86
CA LYS A 66 -16.40 11.14 12.68
C LYS A 66 -16.24 12.21 13.75
N LEU A 67 -17.38 12.71 14.22
CA LEU A 67 -17.43 13.66 15.31
C LEU A 67 -18.23 13.07 16.46
N TYR A 68 -17.62 13.04 17.65
CA TYR A 68 -18.23 12.39 18.79
C TYR A 68 -18.19 13.28 20.04
N ASN A 69 -19.26 13.20 20.83
CA ASN A 69 -19.31 13.73 22.19
C ASN A 69 -18.46 12.85 23.12
N VAL A 70 -17.33 13.36 23.58
CA VAL A 70 -16.42 12.48 24.29
C VAL A 70 -17.04 11.85 25.54
N PHE A 71 -18.14 12.42 26.03
CA PHE A 71 -18.71 12.00 27.31
C PHE A 71 -19.95 11.13 27.16
N SER A 72 -20.94 11.60 26.41
CA SER A 72 -22.09 10.78 26.07
C SER A 72 -21.68 9.61 25.20
N GLY A 73 -20.75 9.85 24.28
CA GLY A 73 -20.35 8.89 23.29
C GLY A 73 -21.14 8.93 22.02
N GLN A 74 -22.03 9.91 21.87
CA GLN A 74 -22.92 9.97 20.71
C GLN A 74 -22.17 10.50 19.49
N GLU A 75 -22.40 9.85 18.33
CA GLU A 75 -21.85 10.32 17.07
C GLU A 75 -22.64 11.53 16.54
N GLU A 76 -21.93 12.61 16.18
CA GLU A 76 -22.58 13.86 15.79
C GLU A 76 -22.49 14.18 14.30
N ALA A 77 -21.40 13.81 13.63
CA ALA A 77 -21.23 13.99 12.20
C ALA A 77 -20.33 12.90 11.61
N SER A 78 -20.37 12.78 10.28
CA SER A 78 -19.63 11.76 9.56
C SER A 78 -19.27 12.29 8.18
N TYR A 79 -18.00 12.22 7.81
CA TYR A 79 -17.54 12.78 6.55
C TYR A 79 -16.60 11.82 5.86
N ASN A 80 -17.00 11.37 4.66
CA ASN A 80 -16.06 10.55 3.88
C ASN A 80 -14.95 11.45 3.38
N CYS A 81 -13.73 11.21 3.84
CA CYS A 81 -12.60 12.06 3.55
C CYS A 81 -11.60 11.41 2.60
N HIS A 82 -11.23 10.16 2.84
CA HIS A 82 -10.37 9.40 1.94
C HIS A 82 -10.98 8.03 1.71
N ASN A 83 -10.33 7.27 0.83
CA ASN A 83 -10.76 5.92 0.47
C ASN A 83 -9.76 4.89 0.97
N SER A 84 -9.20 5.15 2.14
CA SER A 84 -8.33 4.23 2.87
C SER A 84 -8.31 4.69 4.31
N ALA A 85 -7.82 3.85 5.20
CA ALA A 85 -7.89 4.17 6.62
C ALA A 85 -7.21 5.50 6.91
N ILE A 86 -7.83 6.30 7.77
CA ILE A 86 -7.20 7.53 8.23
C ILE A 86 -6.12 7.18 9.24
N THR A 87 -4.93 7.71 9.03
CA THR A 87 -3.85 7.48 9.97
C THR A 87 -3.66 8.66 10.91
N HIS A 88 -3.75 9.89 10.39
CA HIS A 88 -3.42 11.05 11.20
C HIS A 88 -4.45 12.18 11.04
N LEU A 89 -4.78 12.83 12.17
CA LEU A 89 -5.58 14.05 12.27
C LEU A 89 -4.76 15.18 12.88
N GLU A 90 -5.15 16.39 12.59
CA GLU A 90 -4.71 17.50 13.42
C GLU A 90 -5.70 18.63 13.26
N PRO A 91 -6.60 18.82 14.21
CA PRO A 91 -7.47 20.00 14.15
C PRO A 91 -6.68 21.25 14.41
N SER A 92 -7.08 22.35 13.77
CA SER A 92 -6.43 23.64 14.03
C SER A 92 -6.91 24.20 15.36
N ARG A 93 -6.07 25.06 15.96
CA ARG A 93 -6.38 25.63 17.27
C ARG A 93 -7.69 26.41 17.23
N ASP A 94 -7.92 27.15 16.15
CA ASP A 94 -9.06 28.06 16.04
C ASP A 94 -10.36 27.37 15.63
N GLY A 95 -10.35 26.04 15.42
CA GLY A 95 -11.55 25.29 15.12
C GLY A 95 -11.93 25.25 13.65
N SER A 96 -11.26 26.01 12.79
CA SER A 96 -11.74 26.24 11.43
C SER A 96 -11.18 25.28 10.39
N LEU A 97 -10.07 24.60 10.67
CA LEU A 97 -9.44 23.74 9.70
C LEU A 97 -9.07 22.40 10.33
N LEU A 98 -8.97 21.38 9.47
CA LEU A 98 -8.49 20.08 9.88
C LEU A 98 -7.57 19.51 8.82
N LEU A 99 -6.52 18.81 9.25
CA LEU A 99 -5.67 18.03 8.36
C LEU A 99 -5.98 16.56 8.54
N THR A 100 -5.88 15.80 7.45
CA THR A 100 -5.96 14.35 7.50
C THR A 100 -4.89 13.78 6.58
N SER A 101 -4.30 12.68 7.00
CA SER A 101 -3.49 11.82 6.15
C SER A 101 -4.15 10.46 6.10
N ALA A 102 -3.79 9.70 5.08
CA ALA A 102 -4.34 8.38 4.85
C ALA A 102 -3.18 7.40 4.79
N THR A 103 -3.46 6.19 4.31
CA THR A 103 -2.43 5.18 4.11
C THR A 103 -2.05 5.08 2.63
N TRP A 104 -3.01 4.76 1.77
CA TRP A 104 -2.87 4.87 0.34
C TRP A 104 -4.12 5.58 -0.19
N SER A 105 -3.96 6.23 -1.35
CA SER A 105 -5.04 6.84 -2.11
C SER A 105 -4.76 8.30 -2.41
N GLN A 106 -5.45 8.84 -3.41
CA GLN A 106 -5.36 10.26 -3.76
C GLN A 106 -6.53 11.00 -3.16
N PRO A 107 -6.26 12.10 -2.46
CA PRO A 107 -4.92 12.57 -2.09
C PRO A 107 -4.42 11.79 -0.86
N LEU A 108 -3.10 11.67 -0.67
CA LEU A 108 -2.57 11.05 0.55
C LEU A 108 -2.90 11.89 1.78
N SER A 109 -2.86 13.20 1.65
CA SER A 109 -3.16 14.11 2.74
C SER A 109 -4.08 15.22 2.22
N ALA A 110 -5.07 15.59 3.04
CA ALA A 110 -6.06 16.58 2.67
C ALA A 110 -6.26 17.55 3.82
N LEU A 111 -6.58 18.79 3.46
CA LEU A 111 -6.90 19.84 4.43
C LEU A 111 -8.36 20.23 4.24
N TRP A 112 -9.14 20.12 5.31
CA TRP A 112 -10.58 20.31 5.28
C TRP A 112 -10.97 21.59 6.00
N GLY A 113 -11.94 22.31 5.43
CA GLY A 113 -12.59 23.39 6.16
C GLY A 113 -13.68 22.85 7.06
N MET A 114 -13.96 23.58 8.14
CA MET A 114 -14.88 23.06 9.14
C MET A 114 -15.87 24.08 9.70
N LYS A 115 -15.81 25.34 9.30
CA LYS A 115 -16.70 26.38 9.85
C LYS A 115 -18.13 26.14 9.36
N SER A 116 -18.95 25.50 10.23
CA SER A 116 -20.38 25.25 10.01
C SER A 116 -20.72 24.33 8.83
N VAL A 117 -19.73 23.97 8.00
CA VAL A 117 -19.96 23.02 6.91
C VAL A 117 -18.63 22.42 6.45
N PHE A 118 -18.60 21.09 6.31
CA PHE A 118 -17.36 20.35 6.08
C PHE A 118 -17.09 20.27 4.57
N ASP A 119 -16.05 20.97 4.11
CA ASP A 119 -15.66 20.92 2.71
C ASP A 119 -14.15 20.92 2.62
N MET A 120 -13.63 20.32 1.54
CA MET A 120 -12.20 20.32 1.32
C MET A 120 -11.73 21.73 0.98
N LYS A 121 -10.57 22.12 1.51
CA LYS A 121 -9.94 23.36 1.07
C LYS A 121 -8.76 23.09 0.13
N HIS A 122 -7.84 22.21 0.53
CA HIS A 122 -6.69 21.88 -0.29
C HIS A 122 -6.48 20.38 -0.24
N SER A 123 -5.48 19.91 -0.99
CA SER A 123 -5.08 18.52 -0.89
C SER A 123 -3.63 18.36 -1.32
N PHE A 124 -2.89 17.57 -0.56
CA PHE A 124 -1.47 17.31 -0.77
C PHE A 124 -1.33 15.86 -1.22
N THR A 125 -1.33 15.66 -2.54
CA THR A 125 -1.62 14.33 -3.06
C THR A 125 -0.49 13.34 -2.84
N GLU A 126 0.69 13.78 -2.41
CA GLU A 126 1.81 12.87 -2.24
C GLU A 126 2.39 12.87 -0.84
N ASP A 127 1.95 13.76 0.04
CA ASP A 127 2.42 13.77 1.42
C ASP A 127 1.67 12.71 2.20
N HIS A 128 2.41 11.75 2.73
CA HIS A 128 1.84 10.68 3.53
C HIS A 128 1.72 11.06 5.00
N TYR A 129 2.08 12.30 5.34
CA TYR A 129 1.94 12.81 6.69
C TYR A 129 1.95 14.32 6.59
N VAL A 130 1.03 14.99 7.28
CA VAL A 130 0.86 16.43 7.19
C VAL A 130 0.68 16.99 8.60
N GLU A 131 1.06 18.25 8.79
CA GLU A 131 0.93 18.86 10.11
C GLU A 131 1.01 20.38 10.01
N PHE A 132 0.22 21.05 10.84
CA PHE A 132 0.19 22.50 10.84
C PHE A 132 1.51 23.08 11.33
N SER A 133 1.79 24.29 10.88
CA SER A 133 2.82 25.08 11.56
C SER A 133 2.39 25.34 13.00
N LYS A 134 3.36 25.73 13.83
CA LYS A 134 3.20 25.80 15.27
C LYS A 134 2.83 27.19 15.77
N HIS A 135 3.57 28.22 15.33
CA HIS A 135 3.41 29.53 15.96
C HIS A 135 2.14 30.22 15.49
N SER A 136 2.07 30.56 14.21
CA SER A 136 0.82 30.94 13.58
C SER A 136 0.57 29.85 12.57
N GLN A 137 -0.67 29.37 12.52
CA GLN A 137 -0.95 28.21 11.68
C GLN A 137 -1.20 28.67 10.24
N ASP A 138 -0.16 29.35 9.72
CA ASP A 138 -0.12 29.96 8.40
C ASP A 138 0.68 29.12 7.41
N ARG A 139 0.93 27.86 7.72
CA ARG A 139 1.66 27.00 6.81
C ARG A 139 1.51 25.54 7.25
N VAL A 140 1.25 24.69 6.29
CA VAL A 140 1.24 23.24 6.48
C VAL A 140 2.60 22.70 6.04
N ILE A 141 3.17 21.78 6.80
CA ILE A 141 4.39 21.10 6.40
C ILE A 141 4.06 19.62 6.20
N GLY A 142 4.40 19.11 5.03
CA GLY A 142 4.06 17.74 4.66
C GLY A 142 5.31 16.94 4.33
N THR A 143 5.22 15.63 4.54
CA THR A 143 6.36 14.75 4.36
C THR A 143 6.09 13.75 3.25
N LYS A 144 7.05 13.63 2.34
CA LYS A 144 7.08 12.62 1.28
C LYS A 144 8.44 11.97 1.36
N GLY A 145 8.47 10.72 1.78
CA GLY A 145 9.72 10.03 2.00
C GLY A 145 10.69 10.83 2.82
N ASP A 146 11.79 11.23 2.19
CA ASP A 146 12.82 12.01 2.82
C ASP A 146 12.68 13.51 2.55
N ILE A 147 11.57 13.92 1.93
CA ILE A 147 11.35 15.31 1.50
C ILE A 147 10.33 15.98 2.38
N ALA A 148 10.54 17.27 2.63
CA ALA A 148 9.53 18.09 3.29
C ALA A 148 8.98 19.12 2.31
N HIS A 149 7.66 19.32 2.33
CA HIS A 149 6.97 20.32 1.53
C HIS A 149 6.19 21.24 2.46
N ILE A 150 6.58 22.52 2.55
CA ILE A 150 5.75 23.51 3.23
C ILE A 150 4.77 24.08 2.22
N TYR A 151 3.51 24.16 2.62
CA TYR A 151 2.46 24.79 1.82
C TYR A 151 1.90 25.98 2.58
N ASP A 152 1.01 26.70 1.91
CA ASP A 152 0.36 27.92 2.42
C ASP A 152 -1.16 27.69 2.39
N ILE A 153 -1.83 27.92 3.52
CA ILE A 153 -3.21 27.43 3.65
C ILE A 153 -4.17 28.23 2.76
N GLN A 154 -3.97 29.53 2.64
CA GLN A 154 -4.90 30.36 1.87
C GLN A 154 -4.86 30.02 0.38
N THR A 155 -3.66 29.89 -0.16
CA THR A 155 -3.43 29.65 -1.57
C THR A 155 -3.18 28.19 -1.89
N GLY A 156 -2.44 27.49 -1.03
CA GLY A 156 -1.98 26.15 -1.31
C GLY A 156 -0.66 26.06 -2.02
N ASN A 157 0.07 27.18 -2.14
CA ASN A 157 1.36 27.17 -2.83
C ASN A 157 2.40 26.40 -2.02
N LYS A 158 3.20 25.60 -2.70
CA LYS A 158 4.38 25.00 -2.08
C LYS A 158 5.45 26.08 -1.94
N LEU A 159 5.52 26.68 -0.75
CA LEU A 159 6.52 27.70 -0.50
C LEU A 159 7.93 27.12 -0.54
N LEU A 160 8.15 25.95 0.07
CA LEU A 160 9.49 25.39 0.10
C LEU A 160 9.47 23.91 -0.19
N THR A 161 10.67 23.37 -0.45
CA THR A 161 10.91 21.94 -0.63
C THR A 161 12.24 21.64 0.04
N LEU A 162 12.19 21.03 1.22
CA LEU A 162 13.38 20.83 2.03
C LEU A 162 13.85 19.38 1.92
N PHE A 163 15.02 19.19 1.32
CA PHE A 163 15.68 17.91 1.16
C PHE A 163 17.10 18.11 0.64
N ASN A 164 17.98 17.19 1.03
CA ASN A 164 19.42 17.30 0.82
C ASN A 164 19.98 15.88 0.78
N PRO A 165 20.17 15.30 -0.42
CA PRO A 165 20.60 13.89 -0.46
C PRO A 165 21.93 13.67 0.22
N ASP A 166 22.82 14.67 0.21
CA ASP A 166 24.08 14.53 0.92
C ASP A 166 23.90 14.44 2.43
N LEU A 167 22.75 14.85 2.96
CA LEU A 167 22.51 14.77 4.39
C LEU A 167 21.36 13.85 4.78
N ALA A 168 20.64 13.28 3.81
CA ALA A 168 19.49 12.48 4.18
C ALA A 168 19.91 11.29 5.03
N ASN A 169 19.08 11.00 6.04
CA ASN A 169 19.23 9.85 6.96
C ASN A 169 18.21 8.75 6.67
N ASN A 170 17.30 8.96 5.73
CA ASN A 170 16.37 7.94 5.26
C ASN A 170 15.68 7.24 6.43
N TYR A 171 15.04 8.06 7.27
CA TYR A 171 14.26 7.51 8.37
C TYR A 171 13.01 6.84 7.83
N LYS A 172 12.86 5.55 8.15
CA LYS A 172 11.73 4.80 7.64
C LYS A 172 10.42 5.48 7.99
N ARG A 173 10.34 6.11 9.18
CA ARG A 173 9.10 6.72 9.63
C ARG A 173 9.24 8.22 9.83
N ASN A 174 9.89 8.87 8.86
CA ASN A 174 10.21 10.29 8.94
C ASN A 174 8.95 11.15 8.90
N CYS A 175 8.95 12.22 9.70
CA CYS A 175 7.89 13.24 9.70
C CYS A 175 8.52 14.60 9.93
N ALA A 176 8.53 15.44 8.89
CA ALA A 176 9.05 16.79 9.03
C ALA A 176 8.13 17.62 9.89
N THR A 177 8.72 18.36 10.82
CA THR A 177 7.98 19.07 11.85
C THR A 177 8.55 20.47 12.01
N PHE A 178 7.66 21.42 12.34
CA PHE A 178 8.05 22.78 12.65
C PHE A 178 8.46 22.86 14.11
N ASN A 179 9.25 23.88 14.46
CA ASN A 179 9.54 24.17 15.86
C ASN A 179 8.51 25.14 16.39
N PRO A 180 8.54 25.43 17.69
CA PRO A 180 7.48 26.28 18.27
C PRO A 180 7.36 27.65 17.64
N THR A 181 8.46 28.27 17.20
CA THR A 181 8.44 29.62 16.64
C THR A 181 8.45 29.62 15.12
N ASP A 182 8.33 28.45 14.50
CA ASP A 182 8.36 28.22 13.06
C ASP A 182 9.70 28.61 12.46
N ASP A 183 10.66 29.03 13.29
CA ASP A 183 11.97 29.42 12.79
C ASP A 183 12.68 28.26 12.09
N LEU A 184 12.58 27.07 12.65
CA LEU A 184 13.34 25.92 12.18
C LEU A 184 12.38 24.84 11.74
N VAL A 185 12.90 23.94 10.92
CA VAL A 185 12.23 22.69 10.57
C VAL A 185 13.21 21.55 10.86
N LEU A 186 12.65 20.38 11.16
CA LEU A 186 13.43 19.15 11.29
C LEU A 186 12.84 18.10 10.36
N ASN A 187 13.68 17.46 9.58
CA ASN A 187 13.16 16.56 8.56
C ASN A 187 14.27 15.59 8.14
N ASP A 188 14.06 14.30 8.42
CA ASP A 188 15.08 13.27 8.28
C ASP A 188 16.26 13.48 9.23
N GLY A 189 16.03 14.06 10.39
CA GLY A 189 17.12 14.28 11.33
C GLY A 189 18.02 15.45 10.99
N VAL A 190 17.64 16.28 10.02
CA VAL A 190 18.41 17.46 9.63
C VAL A 190 17.70 18.71 10.12
N LEU A 191 18.47 19.66 10.64
CA LEU A 191 17.94 20.91 11.15
C LEU A 191 18.00 21.97 10.04
N TRP A 192 16.88 22.59 9.72
CA TRP A 192 16.85 23.57 8.64
C TRP A 192 16.50 24.95 9.17
N ASP A 193 17.21 25.97 8.69
CA ASP A 193 16.80 27.35 8.84
C ASP A 193 15.82 27.70 7.73
N VAL A 194 14.59 28.04 8.10
CA VAL A 194 13.53 28.25 7.13
C VAL A 194 13.75 29.54 6.34
N ARG A 195 14.28 30.59 6.99
CA ARG A 195 14.54 31.86 6.33
C ARG A 195 15.45 31.67 5.13
N SER A 196 16.58 30.98 5.33
CA SER A 196 17.55 30.75 4.26
C SER A 196 17.38 29.39 3.57
N ALA A 197 16.43 28.57 4.02
CA ALA A 197 16.25 27.22 3.48
C ALA A 197 17.56 26.46 3.41
N GLN A 198 18.47 26.71 4.34
CA GLN A 198 19.78 26.03 4.34
C GLN A 198 19.86 25.10 5.53
N ALA A 199 20.22 23.84 5.28
CA ALA A 199 20.38 22.88 6.37
C ALA A 199 21.53 23.33 7.25
N ILE A 200 21.32 23.33 8.56
CA ILE A 200 22.26 23.90 9.50
C ILE A 200 22.84 22.88 10.48
N HIS A 201 22.41 21.62 10.43
CA HIS A 201 22.99 20.55 11.23
C HIS A 201 22.39 19.23 10.80
N LYS A 202 23.19 18.18 10.64
CA LYS A 202 22.66 16.82 10.61
C LYS A 202 22.96 16.14 11.94
N PHE A 203 21.96 15.45 12.49
CA PHE A 203 22.11 14.69 13.72
C PHE A 203 22.35 13.23 13.35
N ASP A 204 23.37 12.63 13.95
CA ASP A 204 23.83 11.31 13.55
C ASP A 204 22.71 10.28 13.65
N LYS A 205 22.59 9.44 12.63
CA LYS A 205 21.52 8.45 12.56
C LYS A 205 21.82 7.30 13.51
N PHE A 206 20.97 7.13 14.52
CA PHE A 206 21.14 6.10 15.53
C PHE A 206 19.98 5.10 15.57
N ASN A 207 19.13 5.09 14.57
CA ASN A 207 17.99 4.19 14.57
C ASN A 207 17.42 4.26 13.18
N MET A 208 16.59 3.28 12.84
CA MET A 208 16.16 3.12 11.47
C MET A 208 14.90 3.91 11.11
N ASN A 209 14.07 4.27 12.10
CA ASN A 209 12.73 4.77 11.83
C ASN A 209 12.42 6.17 12.39
N ILE A 210 12.72 6.45 13.66
CA ILE A 210 12.22 7.67 14.30
C ILE A 210 13.09 8.87 13.91
N SER A 211 12.44 9.94 13.43
CA SER A 211 13.16 11.11 12.93
C SER A 211 13.27 12.25 13.94
N GLY A 212 12.46 12.25 14.98
CA GLY A 212 12.61 13.27 16.00
C GLY A 212 11.51 14.30 15.96
N VAL A 213 11.30 14.93 17.12
CA VAL A 213 10.41 16.07 17.25
C VAL A 213 11.19 17.15 18.00
N PHE A 214 10.67 18.37 17.92
CA PHE A 214 11.13 19.49 18.72
C PHE A 214 10.40 19.49 20.05
N HIS A 215 11.16 19.67 21.13
CA HIS A 215 10.52 19.76 22.43
C HIS A 215 9.65 21.02 22.46
N PRO A 216 8.46 20.96 23.07
CA PRO A 216 7.63 22.17 23.16
C PRO A 216 8.34 23.38 23.75
N ASN A 217 9.24 23.21 24.72
CA ASN A 217 9.92 24.36 25.27
C ASN A 217 10.91 25.00 24.29
N GLY A 218 11.16 24.40 23.14
CA GLY A 218 11.98 25.04 22.13
C GLY A 218 13.47 25.05 22.41
N LEU A 219 13.93 24.35 23.44
CA LEU A 219 15.33 24.40 23.80
C LEU A 219 16.09 23.12 23.47
N GLU A 220 15.42 22.07 22.99
CA GLU A 220 16.02 20.74 22.88
C GLU A 220 15.28 19.98 21.79
N VAL A 221 15.93 18.92 21.29
CA VAL A 221 15.38 18.11 20.20
C VAL A 221 15.46 16.64 20.61
N ILE A 222 14.32 15.94 20.46
CA ILE A 222 14.14 14.57 20.91
C ILE A 222 14.06 13.71 19.67
N ILE A 223 15.13 12.99 19.38
CA ILE A 223 15.21 12.10 18.24
C ILE A 223 15.30 10.68 18.79
N ASN A 224 14.19 9.98 18.78
CA ASN A 224 14.17 8.64 19.35
C ASN A 224 14.68 8.72 20.79
N THR A 225 15.74 7.98 21.15
CA THR A 225 16.22 7.96 22.53
C THR A 225 17.24 9.06 22.83
N GLU A 226 17.68 9.82 21.82
CA GLU A 226 18.62 10.92 22.04
C GLU A 226 17.83 12.20 22.26
N ILE A 227 18.16 12.91 23.33
CA ILE A 227 17.70 14.28 23.58
C ILE A 227 18.88 15.21 23.32
N TRP A 228 18.88 15.92 22.19
CA TRP A 228 19.95 16.84 21.83
C TRP A 228 19.62 18.26 22.27
N ASP A 229 20.65 19.03 22.57
CA ASP A 229 20.48 20.45 22.83
C ASP A 229 20.38 21.25 21.54
N LEU A 230 19.38 22.14 21.46
CA LEU A 230 19.13 22.87 20.23
C LEU A 230 20.15 23.98 19.99
N ARG A 231 20.85 24.42 21.03
CA ARG A 231 21.76 25.54 20.88
C ARG A 231 23.22 25.12 20.80
N THR A 232 23.63 24.06 21.47
CA THR A 232 24.99 23.55 21.43
C THR A 232 25.11 22.23 20.68
N PHE A 233 24.02 21.51 20.50
CA PHE A 233 24.05 20.25 19.79
C PHE A 233 24.69 19.15 20.62
N HIS A 234 24.58 19.30 21.94
CA HIS A 234 25.15 18.37 22.89
C HIS A 234 24.12 17.30 23.22
N LEU A 235 24.59 16.11 23.58
CA LEU A 235 23.69 15.10 24.12
C LEU A 235 23.41 15.43 25.59
N LEU A 236 22.14 15.73 25.89
CA LEU A 236 21.72 16.10 27.24
C LEU A 236 21.19 14.93 28.06
N HIS A 237 20.80 13.85 27.40
CA HIS A 237 19.98 12.82 28.00
C HIS A 237 19.95 11.62 27.08
N THR A 238 20.10 10.44 27.66
CA THR A 238 19.72 9.22 26.98
C THR A 238 18.46 8.69 27.65
N VAL A 239 17.45 8.37 26.85
CA VAL A 239 16.20 7.88 27.38
C VAL A 239 15.88 6.58 26.66
N PRO A 240 16.38 5.45 27.12
CA PRO A 240 16.16 4.21 26.35
C PRO A 240 14.69 3.88 26.09
N ALA A 241 13.80 4.12 27.06
CA ALA A 241 12.39 3.76 26.92
C ALA A 241 11.65 4.61 25.91
N LEU A 242 12.25 5.67 25.40
CA LEU A 242 11.64 6.35 24.27
C LEU A 242 12.04 5.74 22.94
N ASP A 243 12.82 4.67 22.95
CA ASP A 243 13.16 3.99 21.71
C ASP A 243 11.90 3.59 20.97
N GLN A 244 11.78 4.08 19.74
CA GLN A 244 10.77 3.65 18.78
C GLN A 244 9.38 4.15 19.13
N CYS A 245 9.30 5.15 19.99
CA CYS A 245 8.00 5.65 20.41
C CYS A 245 7.60 6.85 19.56
N ARG A 246 6.30 6.97 19.35
CA ARG A 246 5.83 8.31 19.08
C ARG A 246 5.65 9.00 20.42
N VAL A 247 5.75 10.32 20.39
CA VAL A 247 5.73 11.11 21.61
C VAL A 247 4.68 12.20 21.47
N VAL A 248 3.93 12.41 22.54
CA VAL A 248 2.94 13.49 22.60
C VAL A 248 3.03 14.14 23.98
N PHE A 249 2.85 15.44 24.02
CA PHE A 249 2.97 16.19 25.26
C PHE A 249 1.57 16.58 25.73
N ASN A 250 1.45 16.88 27.02
CA ASN A 250 0.27 17.60 27.44
C ASN A 250 0.41 19.04 26.95
N HIS A 251 -0.74 19.71 26.88
CA HIS A 251 -0.78 21.09 26.31
C HIS A 251 0.39 21.90 26.84
N THR A 252 0.66 21.77 28.12
CA THR A 252 1.68 22.63 28.71
C THR A 252 3.08 22.03 28.59
N GLY A 253 3.24 20.93 27.86
CA GLY A 253 4.58 20.43 27.63
C GLY A 253 5.33 20.22 28.92
N THR A 254 4.60 19.78 29.95
CA THR A 254 5.16 19.37 31.24
C THR A 254 5.07 17.87 31.48
N VAL A 255 4.22 17.16 30.75
CA VAL A 255 4.19 15.70 30.79
C VAL A 255 4.49 15.21 29.39
N MET A 256 5.28 14.14 29.30
CA MET A 256 5.55 13.50 28.01
C MET A 256 4.99 12.07 27.99
N TYR A 257 4.33 11.74 26.88
CA TYR A 257 3.75 10.41 26.67
C TYR A 257 4.51 9.72 25.53
N GLY A 258 4.94 8.46 25.78
CA GLY A 258 5.57 7.66 24.74
C GLY A 258 4.90 6.31 24.52
N ALA A 259 4.32 6.10 23.35
CA ALA A 259 3.81 4.78 22.93
C ALA A 259 4.78 4.18 21.92
N MET A 260 5.20 2.94 22.15
CA MET A 260 6.15 2.34 21.27
C MET A 260 5.45 1.69 20.08
N LEU A 261 6.07 1.80 18.91
CA LEU A 261 5.58 1.14 17.71
C LEU A 261 5.82 -0.37 17.83
N GLN A 262 5.48 -1.10 16.77
CA GLN A 262 5.60 -2.55 16.78
C GLN A 262 6.52 -3.12 15.70
N ALA A 263 6.28 -2.80 14.42
CA ALA A 263 7.05 -3.38 13.29
C ALA A 263 6.36 -3.14 11.93
N ASP A 268 8.91 -5.19 9.39
CA ASP A 268 8.12 -5.48 8.21
C ASP A 268 8.19 -6.95 7.80
N LEU A 269 7.10 -7.66 8.03
CA LEU A 269 6.97 -9.06 7.64
C LEU A 269 5.56 -9.32 7.11
N MET A 270 5.47 -10.23 6.15
CA MET A 270 4.17 -10.81 5.83
C MET A 270 3.25 -9.86 5.08
N GLU A 271 2.08 -10.36 4.71
CA GLU A 271 0.99 -9.59 4.14
C GLU A 271 0.23 -8.87 5.26
N GLU A 272 -0.97 -8.39 4.99
CA GLU A 272 -1.67 -7.50 5.89
C GLU A 272 -2.86 -8.15 6.57
N ARG A 273 -3.05 -7.81 7.88
CA ARG A 273 -4.23 -8.17 8.65
C ARG A 273 -4.68 -7.03 9.57
N MET A 274 -4.49 -5.76 9.15
CA MET A 274 -4.89 -4.55 9.87
C MET A 274 -4.27 -4.51 11.28
N LYS A 275 -2.93 -4.32 11.26
CA LYS A 275 -2.03 -4.41 12.41
C LYS A 275 -1.93 -3.08 13.15
N SER A 276 -2.16 -3.09 14.46
CA SER A 276 -2.22 -1.85 15.23
C SER A 276 -0.85 -1.18 15.32
N PRO A 277 -0.77 0.13 15.05
CA PRO A 277 0.55 0.77 15.00
C PRO A 277 1.35 0.64 16.29
N PHE A 278 0.71 0.56 17.44
CA PHE A 278 1.43 0.55 18.71
C PHE A 278 1.11 -0.74 19.44
N GLY A 279 1.80 -0.96 20.53
CA GLY A 279 1.62 -2.17 21.26
C GLY A 279 0.55 -1.92 22.27
N SER A 280 0.64 -2.47 23.46
CA SER A 280 -0.46 -2.48 24.39
C SER A 280 -0.30 -1.48 25.54
N SER A 281 0.82 -0.77 25.62
CA SER A 281 1.07 0.09 26.77
C SER A 281 1.63 1.40 26.29
N PHE A 282 1.63 2.39 27.19
CA PHE A 282 2.34 3.65 26.97
C PHE A 282 3.04 4.07 28.26
N ARG A 283 3.84 5.14 28.16
CA ARG A 283 4.65 5.61 29.28
C ARG A 283 4.57 7.13 29.44
N THR A 284 4.69 7.59 30.66
CA THR A 284 4.68 9.02 30.91
C THR A 284 6.02 9.44 31.49
N PHE A 285 6.49 10.60 31.03
CA PHE A 285 7.80 11.09 31.38
C PHE A 285 7.67 12.53 31.83
N ASN A 286 8.40 12.89 32.86
CA ASN A 286 8.50 14.30 33.17
C ASN A 286 9.12 15.03 31.98
N ALA A 287 8.39 15.98 31.41
CA ALA A 287 8.85 16.61 30.17
C ALA A 287 10.12 17.42 30.36
N THR A 288 10.53 17.66 31.60
CA THR A 288 11.65 18.53 31.93
C THR A 288 12.95 17.79 32.17
N ASP A 289 12.92 16.68 32.91
CA ASP A 289 14.15 15.94 33.16
C ASP A 289 14.08 14.49 32.65
N TYR A 290 13.02 14.12 31.96
CA TYR A 290 12.90 12.83 31.28
C TYR A 290 12.89 11.68 32.26
N LYS A 291 12.88 11.97 33.56
CA LYS A 291 12.67 10.91 34.52
C LYS A 291 11.29 10.28 34.30
N PRO A 292 11.18 8.96 34.41
CA PRO A 292 9.88 8.32 34.21
C PRO A 292 8.89 8.69 35.30
N ILE A 293 7.62 8.42 34.99
CA ILE A 293 6.53 8.71 35.92
C ILE A 293 5.73 7.44 36.16
N ALA A 294 5.10 6.93 35.10
CA ALA A 294 4.29 5.73 35.17
C ALA A 294 4.45 4.95 33.88
N THR A 295 4.25 3.64 33.95
CA THR A 295 3.95 2.83 32.77
C THR A 295 2.51 2.39 32.87
N ILE A 296 1.78 2.53 31.75
CA ILE A 296 0.35 2.28 31.71
C ILE A 296 0.13 1.21 30.66
N ASP A 297 -0.23 0.01 31.10
CA ASP A 297 -0.56 -1.07 30.17
C ASP A 297 -2.07 -1.28 30.17
N VAL A 298 -2.71 -1.08 29.02
CA VAL A 298 -4.16 -1.23 28.95
C VAL A 298 -4.52 -2.63 28.47
N LYS A 299 -3.51 -3.49 28.34
CA LYS A 299 -3.73 -4.88 27.92
C LYS A 299 -4.52 -4.96 26.61
N ARG A 300 -4.27 -4.03 25.69
CA ARG A 300 -4.93 -3.98 24.39
C ARG A 300 -4.08 -3.14 23.46
N ASN A 301 -4.13 -3.45 22.17
CA ASN A 301 -3.22 -2.77 21.26
C ASN A 301 -3.73 -1.36 20.96
N ILE A 302 -2.83 -0.40 20.96
CA ILE A 302 -3.18 1.01 20.86
C ILE A 302 -3.00 1.45 19.41
N PHE A 303 -3.95 2.22 18.91
CA PHE A 303 -3.85 2.77 17.57
C PHE A 303 -3.41 4.21 17.58
N ASP A 304 -3.75 4.92 18.65
CA ASP A 304 -3.54 6.35 18.73
C ASP A 304 -3.83 6.76 20.15
N LEU A 305 -3.32 7.92 20.53
CA LEU A 305 -3.66 8.53 21.80
C LEU A 305 -3.48 10.02 21.62
N CYS A 306 -4.19 10.79 22.44
CA CYS A 306 -4.08 12.24 22.34
C CYS A 306 -4.43 12.89 23.67
N THR A 307 -4.04 14.13 23.79
CA THR A 307 -4.26 14.88 25.00
C THR A 307 -5.10 16.10 24.66
N ASP A 308 -5.80 16.60 25.66
CA ASP A 308 -6.74 17.67 25.38
C ASP A 308 -6.06 19.03 25.53
N THR A 309 -6.87 20.07 25.31
CA THR A 309 -6.41 21.45 25.37
C THR A 309 -6.28 21.97 26.79
N LYS A 310 -6.95 21.35 27.76
CA LYS A 310 -7.00 21.84 29.14
C LYS A 310 -6.23 20.99 30.13
N ASP A 311 -5.51 19.96 29.65
CA ASP A 311 -4.63 19.15 30.48
C ASP A 311 -5.35 18.14 31.36
N CYS A 312 -6.66 17.95 31.19
CA CYS A 312 -7.42 17.01 32.02
C CYS A 312 -7.41 15.59 31.47
N TYR A 313 -7.59 15.44 30.17
CA TYR A 313 -7.89 14.15 29.57
C TYR A 313 -6.78 13.66 28.66
N LEU A 314 -6.57 12.34 28.69
CA LEU A 314 -5.90 11.58 27.65
C LEU A 314 -6.91 10.62 27.05
N ALA A 315 -6.99 10.60 25.73
CA ALA A 315 -7.95 9.75 25.04
C ALA A 315 -7.18 8.81 24.14
N VAL A 316 -7.50 7.50 24.23
CA VAL A 316 -6.71 6.43 23.65
C VAL A 316 -7.63 5.49 22.87
N ILE A 317 -7.18 5.09 21.69
CA ILE A 317 -7.91 4.13 20.87
C ILE A 317 -7.29 2.75 21.12
N GLU A 318 -8.13 1.77 21.42
CA GLU A 318 -7.71 0.48 21.98
C GLU A 318 -8.43 -0.66 21.27
N ASN A 319 -7.66 -1.56 20.65
CA ASN A 319 -8.30 -2.63 19.88
C ASN A 319 -8.81 -3.71 20.82
N GLN A 320 -10.05 -4.11 20.62
CA GLN A 320 -10.61 -5.18 21.45
C GLN A 320 -10.39 -6.56 20.85
N GLY A 321 -10.14 -6.63 19.52
CA GLY A 321 -9.91 -7.82 18.70
C GLY A 321 -11.18 -8.42 18.15
N SER A 322 -11.05 -9.08 16.99
CA SER A 322 -12.14 -9.81 16.32
C SER A 322 -11.54 -10.77 15.30
N MET A 323 -12.41 -11.28 14.42
CA MET A 323 -12.02 -12.09 13.27
C MET A 323 -12.19 -11.31 11.95
N ASN A 327 -9.74 -7.38 10.37
CA ASN A 327 -9.81 -7.97 11.71
C ASN A 327 -9.40 -6.98 12.80
N MET A 328 -10.38 -6.29 13.39
CA MET A 328 -10.19 -5.14 14.27
C MET A 328 -11.51 -4.71 14.89
N ASP A 329 -11.49 -4.30 16.16
CA ASP A 329 -12.70 -3.79 16.82
C ASP A 329 -12.32 -2.83 17.95
N THR A 330 -12.22 -1.54 17.63
CA THR A 330 -11.67 -0.56 18.55
C THR A 330 -12.70 0.28 19.29
N VAL A 331 -12.27 0.79 20.44
CA VAL A 331 -13.08 1.63 21.31
C VAL A 331 -12.22 2.79 21.78
N CYS A 332 -12.82 3.98 21.82
CA CYS A 332 -12.15 5.12 22.42
C CYS A 332 -12.36 5.12 23.94
N ARG A 333 -11.26 5.10 24.67
CA ARG A 333 -11.34 5.23 26.12
C ARG A 333 -10.78 6.60 26.49
N LEU A 334 -11.59 7.40 27.22
CA LEU A 334 -11.21 8.73 27.69
C LEU A 334 -10.80 8.66 29.15
N TYR A 335 -9.52 8.83 29.43
CA TYR A 335 -8.99 8.78 30.78
C TYR A 335 -8.74 10.17 31.34
N GLU A 336 -8.92 10.30 32.64
CA GLU A 336 -8.59 11.52 33.35
C GLU A 336 -7.19 11.35 33.95
N VAL A 337 -6.32 12.32 33.70
CA VAL A 337 -4.93 12.22 34.19
C VAL A 337 -4.82 12.63 35.66
N GLY A 338 -4.01 11.77 36.37
CA GLY A 338 -3.72 12.07 37.76
C GLY A 338 -2.26 11.79 38.10
N VAL B 26 10.90 -22.04 7.05
CA VAL B 26 11.15 -23.31 6.38
C VAL B 26 11.24 -23.07 4.87
N LYS B 27 12.33 -23.53 4.26
CA LYS B 27 12.55 -23.33 2.80
C LYS B 27 11.72 -24.36 2.00
N PRO B 28 11.05 -23.95 0.90
CA PRO B 28 10.25 -24.85 0.09
C PRO B 28 10.84 -26.14 -0.45
N ASN B 29 9.95 -27.03 -0.89
CA ASN B 29 10.38 -28.33 -1.45
C ASN B 29 9.57 -28.56 -2.72
N TYR B 30 9.82 -27.74 -3.75
CA TYR B 30 8.98 -27.84 -4.97
C TYR B 30 9.31 -29.15 -5.66
N ALA B 31 8.28 -30.00 -5.82
CA ALA B 31 8.44 -31.31 -6.40
C ALA B 31 7.57 -31.42 -7.65
N LEU B 32 8.22 -31.78 -8.77
CA LEU B 32 7.54 -31.92 -10.06
C LEU B 32 6.51 -33.04 -10.02
N LYS B 33 5.22 -32.69 -10.14
CA LYS B 33 4.15 -33.65 -9.95
C LYS B 33 3.55 -34.16 -11.27
N PHE B 34 3.05 -33.28 -12.13
CA PHE B 34 2.52 -33.69 -13.43
C PHE B 34 2.99 -32.70 -14.49
N THR B 35 3.30 -33.23 -15.68
CA THR B 35 3.63 -32.41 -16.85
C THR B 35 2.54 -32.54 -17.90
N LEU B 36 2.14 -31.42 -18.48
CA LEU B 36 1.03 -31.37 -19.41
C LEU B 36 1.56 -31.00 -20.79
N ALA B 37 1.42 -31.90 -21.74
CA ALA B 37 1.72 -31.61 -23.14
C ALA B 37 0.43 -31.64 -23.94
N GLY B 38 0.56 -31.25 -25.21
CA GLY B 38 -0.56 -31.18 -26.12
C GLY B 38 -0.87 -29.79 -26.64
N HIS B 39 0.09 -28.88 -26.60
CA HIS B 39 -0.10 -27.55 -27.17
C HIS B 39 0.67 -27.45 -28.47
N THR B 40 -0.03 -27.06 -29.55
CA THR B 40 0.55 -27.04 -30.89
C THR B 40 1.75 -26.10 -30.98
N LYS B 41 1.64 -24.92 -30.37
CA LYS B 41 2.73 -23.96 -30.39
C LYS B 41 3.01 -23.44 -29.00
N ALA B 42 3.76 -22.34 -28.94
CA ALA B 42 4.10 -21.69 -27.68
C ALA B 42 2.86 -21.45 -26.82
N VAL B 43 2.99 -21.75 -25.53
CA VAL B 43 1.96 -21.46 -24.53
C VAL B 43 2.39 -20.24 -23.74
N SER B 44 1.48 -19.29 -23.55
CA SER B 44 1.87 -17.97 -23.05
C SER B 44 1.32 -17.60 -21.67
N SER B 45 0.28 -18.26 -21.19
CA SER B 45 -0.31 -17.88 -19.92
C SER B 45 -1.04 -19.07 -19.30
N VAL B 46 -0.89 -19.21 -17.97
CA VAL B 46 -1.56 -20.24 -17.18
C VAL B 46 -2.17 -19.58 -15.94
N LYS B 47 -3.19 -20.23 -15.40
CA LYS B 47 -3.87 -19.73 -14.22
C LYS B 47 -4.56 -20.90 -13.52
N PHE B 48 -4.72 -20.78 -12.20
CA PHE B 48 -5.53 -21.70 -11.43
C PHE B 48 -6.92 -21.12 -11.25
N SER B 49 -7.87 -22.01 -10.96
CA SER B 49 -9.25 -21.56 -10.75
C SER B 49 -9.37 -20.81 -9.43
N PRO B 50 -10.32 -19.87 -9.32
CA PRO B 50 -10.66 -19.34 -7.98
C PRO B 50 -11.03 -20.43 -7.00
N ASN B 51 -11.32 -21.64 -7.48
CA ASN B 51 -11.50 -22.84 -6.68
C ASN B 51 -10.27 -23.75 -6.69
N GLY B 52 -9.46 -23.70 -7.75
CA GLY B 52 -8.24 -24.48 -7.78
C GLY B 52 -8.38 -25.92 -8.19
N GLU B 53 -9.51 -26.31 -8.78
CA GLU B 53 -9.62 -27.66 -9.33
C GLU B 53 -9.17 -27.77 -10.77
N TRP B 54 -9.00 -26.63 -11.47
CA TRP B 54 -8.68 -26.64 -12.89
C TRP B 54 -7.57 -25.66 -13.21
N LEU B 55 -6.79 -26.01 -14.23
CA LEU B 55 -5.70 -25.18 -14.74
C LEU B 55 -6.04 -24.76 -16.17
N ALA B 56 -6.18 -23.46 -16.40
CA ALA B 56 -6.51 -22.90 -17.70
C ALA B 56 -5.26 -22.34 -18.34
N SER B 57 -4.99 -22.71 -19.59
CA SER B 57 -3.80 -22.26 -20.32
C SER B 57 -4.22 -21.63 -21.64
N SER B 58 -3.40 -20.70 -22.12
CA SER B 58 -3.60 -20.04 -23.42
C SER B 58 -2.31 -20.06 -24.21
N SER B 59 -2.41 -20.24 -25.52
CA SER B 59 -1.25 -20.51 -26.35
C SER B 59 -1.25 -19.62 -27.59
N ALA B 60 -0.06 -19.46 -28.18
CA ALA B 60 0.03 -18.88 -29.52
C ALA B 60 -0.61 -19.77 -30.56
N ASP B 61 -1.10 -20.93 -30.16
CA ASP B 61 -1.75 -21.85 -31.07
C ASP B 61 -3.23 -21.55 -31.21
N LYS B 62 -3.70 -20.42 -30.71
CA LYS B 62 -5.08 -19.98 -30.80
C LYS B 62 -5.97 -20.68 -29.78
N LEU B 63 -5.43 -21.60 -28.97
CA LEU B 63 -6.24 -22.45 -28.13
C LEU B 63 -6.19 -22.04 -26.67
N ILE B 64 -7.27 -22.37 -25.97
CA ILE B 64 -7.37 -22.31 -24.52
C ILE B 64 -7.72 -23.71 -24.04
N LYS B 65 -7.00 -24.19 -23.04
CA LYS B 65 -7.10 -25.59 -22.65
C LYS B 65 -7.30 -25.68 -21.14
N ILE B 66 -7.95 -26.75 -20.72
CA ILE B 66 -8.23 -26.98 -19.31
C ILE B 66 -7.57 -28.29 -18.90
N TRP B 67 -6.99 -28.30 -17.70
CA TRP B 67 -6.26 -29.45 -17.21
C TRP B 67 -6.60 -29.67 -15.74
N GLY B 68 -6.25 -30.85 -15.22
CA GLY B 68 -6.55 -31.20 -13.85
C GLY B 68 -5.65 -30.52 -12.83
N ALA B 69 -6.21 -29.58 -12.06
CA ALA B 69 -5.39 -28.68 -11.26
C ALA B 69 -4.71 -29.35 -10.06
N TYR B 70 -4.81 -30.67 -9.87
CA TYR B 70 -3.85 -31.33 -8.98
C TYR B 70 -3.17 -32.43 -9.76
N ASP B 71 -3.99 -33.25 -10.42
CA ASP B 71 -3.49 -34.37 -11.19
C ASP B 71 -3.05 -33.98 -12.59
N GLY B 72 -3.47 -32.81 -13.09
CA GLY B 72 -3.17 -32.40 -14.45
C GLY B 72 -3.87 -33.15 -15.55
N LYS B 73 -5.18 -33.40 -15.40
CA LYS B 73 -5.92 -34.21 -16.36
C LYS B 73 -6.29 -33.41 -17.60
N PHE B 74 -6.20 -34.06 -18.77
CA PHE B 74 -6.53 -33.43 -20.04
C PHE B 74 -8.04 -33.20 -20.10
N GLU B 75 -8.47 -32.01 -19.71
CA GLU B 75 -9.87 -31.59 -19.74
C GLU B 75 -10.27 -31.15 -21.15
N LYS B 76 -11.39 -30.43 -21.24
CA LYS B 76 -11.86 -29.82 -22.47
C LYS B 76 -10.78 -28.91 -23.09
N THR B 77 -11.05 -28.45 -24.31
CA THR B 77 -10.18 -27.48 -24.99
C THR B 77 -11.04 -26.51 -25.78
N ILE B 78 -10.76 -25.22 -25.65
CA ILE B 78 -11.64 -24.15 -26.13
C ILE B 78 -11.04 -23.53 -27.39
N SER B 79 -11.91 -22.90 -28.19
CA SER B 79 -11.51 -22.44 -29.53
C SER B 79 -12.46 -21.37 -30.06
N GLY B 80 -11.94 -20.56 -30.99
CA GLY B 80 -12.68 -19.51 -31.66
C GLY B 80 -11.89 -18.25 -32.01
N HIS B 81 -10.76 -18.02 -31.35
CA HIS B 81 -9.89 -16.90 -31.65
C HIS B 81 -9.07 -17.22 -32.90
N LYS B 82 -8.97 -16.24 -33.80
CA LYS B 82 -8.32 -16.50 -35.08
C LYS B 82 -6.80 -16.54 -34.95
N LEU B 83 -6.23 -15.67 -34.13
CA LEU B 83 -4.80 -15.54 -33.94
C LEU B 83 -4.37 -16.16 -32.61
N GLY B 84 -3.14 -15.86 -32.20
CA GLY B 84 -2.63 -16.34 -30.93
C GLY B 84 -3.32 -15.69 -29.76
N ILE B 85 -3.09 -16.28 -28.60
CA ILE B 85 -3.62 -15.77 -27.34
C ILE B 85 -2.43 -15.56 -26.40
N SER B 86 -2.38 -14.39 -25.80
CA SER B 86 -1.27 -14.04 -24.92
CA SER B 86 -1.27 -14.05 -24.91
C SER B 86 -1.57 -14.30 -23.45
N ASP B 87 -2.84 -14.34 -23.07
CA ASP B 87 -3.15 -14.38 -21.64
C ASP B 87 -4.63 -14.69 -21.42
N VAL B 88 -4.92 -15.26 -20.23
CA VAL B 88 -6.25 -15.78 -19.89
C VAL B 88 -6.52 -15.55 -18.40
N ALA B 89 -7.69 -14.97 -18.08
CA ALA B 89 -8.12 -14.74 -16.70
C ALA B 89 -9.55 -15.23 -16.49
N TRP B 90 -9.88 -15.64 -15.24
CA TRP B 90 -11.24 -16.05 -14.87
C TRP B 90 -12.01 -14.89 -14.27
N SER B 91 -13.16 -15.21 -13.69
CA SER B 91 -13.97 -14.33 -12.86
C SER B 91 -14.04 -14.91 -11.45
N SER B 92 -14.65 -14.16 -10.54
CA SER B 92 -14.64 -14.56 -9.13
C SER B 92 -15.21 -15.96 -8.94
N ASP B 93 -16.31 -16.27 -9.62
CA ASP B 93 -16.96 -17.57 -9.48
C ASP B 93 -16.35 -18.66 -10.37
N SER B 94 -15.18 -18.38 -10.97
CA SER B 94 -14.46 -19.32 -11.85
C SER B 94 -15.38 -19.88 -12.95
N ASN B 95 -16.25 -19.04 -13.51
CA ASN B 95 -17.22 -19.48 -14.50
C ASN B 95 -16.99 -18.95 -15.90
N LEU B 96 -16.27 -17.84 -16.06
CA LEU B 96 -15.93 -17.30 -17.38
C LEU B 96 -14.45 -16.93 -17.42
N LEU B 97 -13.80 -17.30 -18.51
CA LEU B 97 -12.49 -16.79 -18.85
C LEU B 97 -12.61 -15.60 -19.78
N VAL B 98 -11.66 -14.70 -19.70
CA VAL B 98 -11.45 -13.70 -20.74
C VAL B 98 -10.08 -14.01 -21.32
N SER B 99 -10.07 -14.43 -22.57
CA SER B 99 -8.84 -14.58 -23.31
C SER B 99 -8.54 -13.25 -23.98
N ALA B 100 -7.25 -12.91 -24.06
CA ALA B 100 -6.77 -11.79 -24.86
C ALA B 100 -5.98 -12.35 -26.03
N SER B 101 -6.40 -12.04 -27.24
CA SER B 101 -5.80 -12.61 -28.44
C SER B 101 -5.04 -11.58 -29.26
N ASP B 102 -4.09 -12.11 -30.05
CA ASP B 102 -3.39 -11.34 -31.07
C ASP B 102 -4.31 -10.95 -32.23
N ASP B 103 -5.58 -11.35 -32.22
CA ASP B 103 -6.52 -10.86 -33.22
C ASP B 103 -7.30 -9.64 -32.75
N LYS B 104 -6.71 -8.85 -31.83
CA LYS B 104 -7.30 -7.62 -31.31
C LYS B 104 -8.59 -7.86 -30.52
N THR B 105 -8.79 -9.07 -30.01
CA THR B 105 -10.08 -9.48 -29.48
C THR B 105 -9.95 -10.00 -28.06
N LEU B 106 -10.89 -9.63 -27.22
CA LEU B 106 -11.16 -10.38 -26.01
C LEU B 106 -12.46 -11.14 -26.19
N LYS B 107 -12.53 -12.32 -25.59
CA LYS B 107 -13.74 -13.13 -25.67
C LYS B 107 -13.98 -13.70 -24.28
N ILE B 108 -15.24 -13.68 -23.85
CA ILE B 108 -15.63 -14.27 -22.58
C ILE B 108 -16.22 -15.64 -22.87
N TRP B 109 -15.77 -16.65 -22.14
CA TRP B 109 -16.12 -18.03 -22.42
C TRP B 109 -16.94 -18.61 -21.28
N ASP B 110 -17.94 -19.42 -21.62
CA ASP B 110 -18.56 -20.27 -20.62
C ASP B 110 -17.64 -21.45 -20.38
N VAL B 111 -16.99 -21.47 -19.22
CA VAL B 111 -16.05 -22.54 -18.90
C VAL B 111 -16.72 -23.90 -19.05
N SER B 112 -17.99 -24.00 -18.64
CA SER B 112 -18.67 -25.29 -18.60
C SER B 112 -18.78 -25.93 -19.98
N SER B 113 -19.14 -25.15 -20.98
CA SER B 113 -19.30 -25.64 -22.34
C SER B 113 -18.17 -25.22 -23.27
N GLY B 114 -17.54 -24.08 -23.01
CA GLY B 114 -16.62 -23.51 -23.96
C GLY B 114 -17.30 -22.72 -25.05
N LYS B 115 -18.59 -22.41 -24.88
CA LYS B 115 -19.32 -21.61 -25.86
C LYS B 115 -19.02 -20.14 -25.59
N CYS B 116 -18.33 -19.49 -26.53
CA CYS B 116 -17.84 -18.15 -26.32
C CYS B 116 -19.01 -17.23 -25.96
N LEU B 117 -19.02 -16.72 -24.72
CA LEU B 117 -20.13 -15.91 -24.26
C LEU B 117 -20.21 -14.56 -24.99
N LYS B 118 -19.07 -13.89 -25.17
CA LYS B 118 -19.08 -12.59 -25.85
C LYS B 118 -17.69 -12.29 -26.38
N THR B 119 -17.64 -11.47 -27.44
CA THR B 119 -16.41 -11.15 -28.15
C THR B 119 -16.19 -9.64 -28.05
N LEU B 120 -15.47 -9.21 -27.01
CA LEU B 120 -15.22 -7.79 -26.79
C LEU B 120 -14.34 -7.22 -27.89
N LYS B 121 -14.73 -6.07 -28.41
CA LYS B 121 -14.11 -5.54 -29.62
C LYS B 121 -13.93 -4.03 -29.51
N GLY B 122 -12.83 -3.53 -30.08
CA GLY B 122 -12.54 -2.11 -30.05
C GLY B 122 -11.07 -1.73 -29.98
N HIS B 123 -10.23 -2.60 -29.42
CA HIS B 123 -8.80 -2.34 -29.47
C HIS B 123 -8.29 -2.27 -30.91
N SER B 124 -7.17 -1.59 -31.09
CA SER B 124 -6.60 -1.34 -32.42
C SER B 124 -5.52 -2.33 -32.83
N ASN B 125 -4.94 -3.08 -31.90
CA ASN B 125 -3.78 -3.93 -32.16
C ASN B 125 -3.89 -5.14 -31.22
N TYR B 126 -2.78 -5.87 -31.05
CA TYR B 126 -2.82 -7.03 -30.19
C TYR B 126 -3.31 -6.65 -28.80
N VAL B 127 -4.07 -7.55 -28.17
CA VAL B 127 -4.43 -7.43 -26.75
C VAL B 127 -3.63 -8.51 -26.01
N PHE B 128 -2.79 -8.07 -25.05
CA PHE B 128 -1.86 -8.96 -24.35
C PHE B 128 -2.25 -9.24 -22.91
N CYS B 129 -2.86 -8.31 -22.21
CA CYS B 129 -3.20 -8.54 -20.80
C CYS B 129 -4.68 -8.25 -20.57
N CYS B 130 -5.29 -9.08 -19.72
CA CYS B 130 -6.72 -9.04 -19.49
C CYS B 130 -6.96 -9.57 -18.09
N ASN B 131 -8.05 -9.11 -17.48
CA ASN B 131 -8.36 -9.48 -16.10
C ASN B 131 -9.76 -8.98 -15.78
N PHE B 132 -10.29 -9.43 -14.64
CA PHE B 132 -11.56 -8.97 -14.10
C PHE B 132 -11.37 -8.18 -12.80
N ASN B 133 -12.48 -7.81 -12.18
CA ASN B 133 -12.54 -7.26 -10.84
C ASN B 133 -13.27 -8.24 -9.93
N PRO B 134 -13.12 -8.07 -8.61
CA PRO B 134 -13.62 -9.10 -7.70
C PRO B 134 -15.08 -9.44 -7.91
N GLN B 135 -15.89 -8.51 -8.42
CA GLN B 135 -17.30 -8.78 -8.68
C GLN B 135 -17.55 -9.31 -10.08
N SER B 136 -16.53 -9.87 -10.74
CA SER B 136 -16.67 -10.61 -12.00
C SER B 136 -17.67 -9.93 -12.94
N ASN B 137 -17.47 -8.63 -13.12
CA ASN B 137 -18.34 -7.84 -14.00
C ASN B 137 -17.59 -6.91 -14.95
N LEU B 138 -16.36 -6.50 -14.64
CA LEU B 138 -15.62 -5.55 -15.46
C LEU B 138 -14.36 -6.18 -16.03
N ILE B 139 -14.08 -5.84 -17.28
CA ILE B 139 -12.89 -6.29 -17.97
C ILE B 139 -11.88 -5.15 -18.03
N VAL B 140 -10.62 -5.49 -17.82
CA VAL B 140 -9.51 -4.57 -18.00
C VAL B 140 -8.56 -5.21 -19.01
N SER B 141 -8.25 -4.48 -20.07
CA SER B 141 -7.37 -4.98 -21.12
C SER B 141 -6.29 -3.95 -21.44
N GLY B 142 -5.08 -4.45 -21.62
CA GLY B 142 -3.98 -3.64 -22.13
C GLY B 142 -3.56 -4.21 -23.46
N SER B 143 -2.98 -3.37 -24.31
CA SER B 143 -2.83 -3.74 -25.70
C SER B 143 -1.63 -3.02 -26.31
N PHE B 144 -1.19 -3.50 -27.47
CA PHE B 144 -0.19 -2.78 -28.26
C PHE B 144 -0.79 -1.54 -28.92
N ASP B 145 -2.11 -1.41 -28.99
CA ASP B 145 -2.68 -0.16 -29.46
C ASP B 145 -2.28 0.95 -28.50
N GLU B 146 -1.55 0.57 -27.43
CA GLU B 146 -0.94 1.51 -26.50
C GLU B 146 -1.96 2.12 -25.55
N SER B 147 -3.05 1.40 -25.30
CA SER B 147 -4.12 1.86 -24.43
C SER B 147 -4.47 0.78 -23.42
N VAL B 148 -5.41 1.12 -22.54
CA VAL B 148 -6.06 0.17 -21.64
C VAL B 148 -7.56 0.40 -21.77
N ARG B 149 -8.35 -0.60 -21.36
CA ARG B 149 -9.77 -0.46 -21.59
C ARG B 149 -10.57 -1.13 -20.49
N ILE B 150 -11.66 -0.47 -20.09
CA ILE B 150 -12.60 -0.98 -19.10
C ILE B 150 -13.85 -1.42 -19.83
N TRP B 151 -14.18 -2.70 -19.72
CA TRP B 151 -15.31 -3.29 -20.44
C TRP B 151 -16.38 -3.71 -19.46
N ASP B 152 -17.56 -4.00 -19.99
CA ASP B 152 -18.69 -4.49 -19.23
C ASP B 152 -18.96 -5.95 -19.60
N VAL B 153 -18.79 -6.87 -18.64
CA VAL B 153 -18.83 -8.29 -18.97
C VAL B 153 -20.24 -8.75 -19.35
N LYS B 154 -21.25 -8.32 -18.59
CA LYS B 154 -22.59 -8.81 -18.86
C LYS B 154 -23.15 -8.29 -20.18
N THR B 155 -22.55 -7.27 -20.77
CA THR B 155 -22.92 -6.78 -22.10
C THR B 155 -21.78 -6.74 -23.10
N GLY B 156 -20.52 -6.62 -22.64
CA GLY B 156 -19.37 -6.59 -23.53
C GLY B 156 -19.03 -5.22 -24.11
N LYS B 157 -19.70 -4.16 -23.67
CA LYS B 157 -19.43 -2.82 -24.15
C LYS B 157 -18.19 -2.24 -23.45
N CYS B 158 -17.47 -1.40 -24.19
CA CYS B 158 -16.23 -0.78 -23.71
C CYS B 158 -16.55 0.54 -23.01
N LEU B 159 -16.28 0.60 -21.70
CA LEU B 159 -16.68 1.78 -20.94
C LEU B 159 -15.69 2.94 -21.09
N LYS B 160 -14.40 2.62 -21.17
CA LYS B 160 -13.38 3.63 -21.02
C LYS B 160 -12.19 3.31 -21.90
N THR B 161 -11.67 4.32 -22.58
CA THR B 161 -10.41 4.22 -23.30
C THR B 161 -9.42 5.18 -22.66
N LEU B 162 -8.46 4.63 -21.92
CA LEU B 162 -7.48 5.42 -21.20
C LEU B 162 -6.21 5.51 -22.02
N PRO B 163 -5.80 6.69 -22.49
CA PRO B 163 -4.56 6.77 -23.30
C PRO B 163 -3.36 6.41 -22.44
N ALA B 164 -3.41 5.16 -21.95
CA ALA B 164 -2.65 4.78 -20.77
C ALA B 164 -1.18 5.17 -20.88
N HIS B 165 -0.55 4.83 -22.00
CA HIS B 165 0.88 5.00 -22.12
C HIS B 165 1.22 5.34 -23.56
N SER B 166 2.47 5.77 -23.76
CA SER B 166 3.00 6.05 -25.08
C SER B 166 3.44 4.80 -25.83
N ASP B 167 3.10 3.61 -25.33
CA ASP B 167 3.58 2.34 -25.89
C ASP B 167 2.66 1.18 -25.56
N PRO B 168 2.95 -0.01 -26.06
CA PRO B 168 2.13 -1.18 -25.74
C PRO B 168 2.13 -1.48 -24.25
N VAL B 169 1.00 -2.02 -23.79
CA VAL B 169 0.64 -2.09 -22.38
C VAL B 169 0.76 -3.55 -21.92
N SER B 170 1.72 -3.84 -21.02
CA SER B 170 2.17 -5.21 -20.77
C SER B 170 1.41 -5.97 -19.69
N ALA B 171 0.77 -5.28 -18.73
CA ALA B 171 -0.10 -5.97 -17.79
C ALA B 171 -1.18 -5.02 -17.29
N VAL B 172 -2.31 -5.60 -16.88
CA VAL B 172 -3.39 -4.84 -16.26
C VAL B 172 -3.99 -5.71 -15.17
N HIS B 173 -4.17 -5.12 -13.99
CA HIS B 173 -4.59 -5.85 -12.80
C HIS B 173 -5.59 -5.02 -12.00
N PHE B 174 -6.40 -5.72 -11.21
CA PHE B 174 -7.39 -5.11 -10.32
C PHE B 174 -7.16 -5.54 -8.88
N ASN B 175 -7.28 -4.58 -7.95
CA ASN B 175 -7.03 -4.81 -6.53
C ASN B 175 -8.21 -5.55 -5.91
N ARG B 176 -8.07 -5.88 -4.62
CA ARG B 176 -9.05 -6.76 -3.99
C ARG B 176 -10.44 -6.14 -3.95
N ASP B 177 -10.56 -4.82 -4.18
CA ASP B 177 -11.87 -4.16 -4.24
C ASP B 177 -12.27 -3.83 -5.67
N GLY B 178 -11.42 -3.12 -6.42
CA GLY B 178 -11.72 -2.80 -7.81
C GLY B 178 -11.83 -1.32 -8.12
N SER B 179 -11.26 -0.45 -7.28
CA SER B 179 -11.26 0.97 -7.58
C SER B 179 -9.93 1.46 -8.12
N LEU B 180 -8.98 0.56 -8.39
CA LEU B 180 -7.68 0.92 -8.93
C LEU B 180 -7.28 -0.02 -10.06
N ILE B 181 -6.74 0.56 -11.13
CA ILE B 181 -6.14 -0.20 -12.22
C ILE B 181 -4.65 0.03 -12.15
N VAL B 182 -3.87 -1.04 -12.02
CA VAL B 182 -2.43 -1.00 -12.18
C VAL B 182 -2.10 -1.47 -13.60
N SER B 183 -1.27 -0.70 -14.29
CA SER B 183 -0.93 -1.00 -15.67
C SER B 183 0.59 -0.97 -15.83
N SER B 184 1.09 -1.83 -16.71
CA SER B 184 2.48 -1.81 -17.13
C SER B 184 2.59 -1.26 -18.55
N SER B 185 3.80 -0.82 -18.91
CA SER B 185 4.04 -0.36 -20.26
C SER B 185 5.52 -0.53 -20.58
N TYR B 186 5.82 -0.67 -21.87
CA TYR B 186 7.21 -0.76 -22.30
C TYR B 186 7.96 0.55 -22.06
N ASP B 187 7.25 1.65 -21.83
CA ASP B 187 7.86 2.94 -21.60
C ASP B 187 8.40 3.11 -20.18
N GLY B 188 8.60 2.02 -19.44
CA GLY B 188 9.07 2.10 -18.07
C GLY B 188 8.06 2.67 -17.10
N LEU B 189 6.87 3.02 -17.59
CA LEU B 189 5.83 3.64 -16.78
C LEU B 189 4.93 2.55 -16.22
N CYS B 190 5.10 2.23 -14.95
CA CYS B 190 4.02 1.60 -14.21
C CYS B 190 3.01 2.68 -13.83
N ARG B 191 1.74 2.29 -13.70
CA ARG B 191 0.70 3.30 -13.53
C ARG B 191 -0.47 2.73 -12.74
N ILE B 192 -1.18 3.61 -12.03
CA ILE B 192 -2.32 3.24 -11.19
C ILE B 192 -3.52 4.11 -11.54
N TRP B 193 -4.69 3.48 -11.69
CA TRP B 193 -5.86 4.11 -12.27
C TRP B 193 -7.06 4.02 -11.33
N ASP B 194 -7.89 5.07 -11.36
CA ASP B 194 -9.14 5.08 -10.61
C ASP B 194 -10.25 4.54 -11.51
N THR B 195 -10.76 3.35 -11.19
CA THR B 195 -11.71 2.68 -12.05
C THR B 195 -13.02 3.47 -12.16
N ALA B 196 -13.61 3.82 -11.02
CA ALA B 196 -14.93 4.44 -11.03
C ALA B 196 -14.93 5.77 -11.78
N SER B 197 -13.76 6.39 -11.95
CA SER B 197 -13.64 7.68 -12.63
C SER B 197 -12.77 7.63 -13.88
N GLY B 198 -11.77 6.75 -13.94
CA GLY B 198 -10.82 6.69 -15.03
C GLY B 198 -9.61 7.59 -14.89
N GLN B 199 -9.50 8.32 -13.80
CA GLN B 199 -8.42 9.28 -13.58
C GLN B 199 -7.11 8.56 -13.26
N CYS B 200 -6.01 9.22 -13.59
CA CYS B 200 -4.67 8.67 -13.33
C CYS B 200 -4.23 9.06 -11.92
N LEU B 201 -4.53 8.18 -10.95
CA LEU B 201 -4.29 8.53 -9.55
C LEU B 201 -2.81 8.82 -9.29
N LYS B 202 -1.93 7.97 -9.82
CA LYS B 202 -0.50 8.04 -9.53
C LYS B 202 0.25 7.70 -10.82
N THR B 203 1.58 7.75 -10.74
CA THR B 203 2.42 7.43 -11.89
C THR B 203 3.80 7.05 -11.38
N LEU B 204 4.06 5.76 -11.27
CA LEU B 204 5.37 5.32 -10.83
C LEU B 204 6.40 5.55 -11.93
N ILE B 205 7.59 5.99 -11.52
CA ILE B 205 8.78 6.02 -12.37
C ILE B 205 9.97 5.69 -11.50
N ASP B 206 10.80 4.76 -11.97
CA ASP B 206 12.15 4.65 -11.43
C ASP B 206 12.95 5.87 -11.89
N ASP B 207 14.07 6.13 -11.22
CA ASP B 207 14.90 7.26 -11.65
C ASP B 207 15.36 7.05 -13.09
N ASP B 208 15.75 5.82 -13.44
CA ASP B 208 15.92 5.38 -14.81
C ASP B 208 14.56 5.04 -15.40
N ASN B 209 14.52 4.70 -16.69
CA ASN B 209 13.27 4.35 -17.36
C ASN B 209 13.43 3.07 -18.18
N PRO B 210 13.75 1.94 -17.53
CA PRO B 210 13.69 0.65 -18.20
C PRO B 210 12.25 0.21 -18.34
N PRO B 211 11.94 -0.67 -19.31
CA PRO B 211 10.54 -1.07 -19.51
C PRO B 211 10.07 -1.97 -18.38
N VAL B 212 8.78 -1.92 -18.12
CA VAL B 212 8.16 -2.82 -17.15
C VAL B 212 7.27 -3.78 -17.92
N SER B 213 7.52 -5.09 -17.72
CA SER B 213 6.91 -6.14 -18.53
C SER B 213 5.79 -6.88 -17.80
N PHE B 214 5.67 -6.72 -16.49
CA PHE B 214 4.59 -7.33 -15.71
C PHE B 214 4.33 -6.49 -14.47
N VAL B 215 3.10 -6.57 -13.96
CA VAL B 215 2.70 -5.86 -12.74
C VAL B 215 1.45 -6.52 -12.18
N LYS B 216 1.36 -6.56 -10.86
CA LYS B 216 0.13 -6.99 -10.19
C LYS B 216 0.12 -6.43 -8.78
N PHE B 217 -1.06 -6.49 -8.17
CA PHE B 217 -1.19 -6.08 -6.78
C PHE B 217 -0.73 -7.21 -5.87
N SER B 218 -0.20 -6.83 -4.70
CA SER B 218 -0.03 -7.82 -3.65
C SER B 218 -1.40 -8.28 -3.18
N PRO B 219 -1.52 -9.52 -2.69
CA PRO B 219 -2.84 -9.97 -2.23
C PRO B 219 -3.44 -9.09 -1.14
N ASN B 220 -2.63 -8.33 -0.40
CA ASN B 220 -3.16 -7.41 0.61
C ASN B 220 -3.43 -6.01 0.08
N GLY B 221 -3.07 -5.72 -1.17
CA GLY B 221 -3.47 -4.50 -1.82
C GLY B 221 -2.61 -3.27 -1.55
N LYS B 222 -1.79 -3.30 -0.50
CA LYS B 222 -0.97 -2.13 -0.19
C LYS B 222 0.17 -1.95 -1.18
N TYR B 223 0.54 -3.00 -1.92
CA TYR B 223 1.81 -3.08 -2.63
C TYR B 223 1.61 -3.62 -4.04
N ILE B 224 2.70 -3.59 -4.81
CA ILE B 224 2.67 -3.83 -6.24
C ILE B 224 3.93 -4.60 -6.63
N LEU B 225 3.76 -5.82 -7.15
CA LEU B 225 4.87 -6.48 -7.83
C LEU B 225 5.01 -5.94 -9.23
N ALA B 226 6.26 -5.79 -9.69
CA ALA B 226 6.50 -5.26 -11.02
C ALA B 226 7.83 -5.77 -11.55
N ALA B 227 7.79 -6.35 -12.74
CA ALA B 227 8.96 -6.91 -13.41
C ALA B 227 9.45 -5.93 -14.46
N THR B 228 10.77 -5.86 -14.61
CA THR B 228 11.40 -5.03 -15.64
C THR B 228 12.42 -5.88 -16.39
N LEU B 229 12.81 -5.38 -17.56
CA LEU B 229 13.59 -6.16 -18.52
C LEU B 229 15.10 -5.94 -18.39
N ASP B 230 15.57 -5.37 -17.29
CA ASP B 230 16.98 -5.49 -16.92
C ASP B 230 17.17 -6.51 -15.80
N ASN B 231 16.45 -7.63 -15.90
CA ASN B 231 16.63 -8.76 -15.01
C ASN B 231 16.23 -8.40 -13.58
N THR B 232 15.17 -7.61 -13.45
CA THR B 232 14.75 -7.02 -12.18
C THR B 232 13.31 -7.37 -11.87
N LEU B 233 12.99 -7.41 -10.58
CA LEU B 233 11.64 -7.68 -10.13
C LEU B 233 11.45 -6.95 -8.80
N LYS B 234 10.63 -5.90 -8.79
CA LYS B 234 10.56 -4.98 -7.66
C LYS B 234 9.21 -5.08 -6.96
N LEU B 235 9.25 -5.01 -5.62
CA LEU B 235 8.06 -4.83 -4.80
C LEU B 235 7.94 -3.36 -4.44
N TRP B 236 6.74 -2.80 -4.58
CA TRP B 236 6.51 -1.37 -4.41
C TRP B 236 5.37 -1.10 -3.45
N ASP B 237 5.54 -0.06 -2.64
CA ASP B 237 4.44 0.57 -1.91
C ASP B 237 4.11 1.83 -2.72
N TYR B 238 2.96 1.80 -3.39
CA TYR B 238 2.72 2.70 -4.50
C TYR B 238 2.07 4.02 -4.11
N SER B 239 1.69 4.21 -2.84
CA SER B 239 1.19 5.51 -2.40
C SER B 239 2.28 6.37 -1.76
N LYS B 240 3.24 5.75 -1.07
CA LYS B 240 4.45 6.43 -0.66
C LYS B 240 5.43 6.60 -1.82
N GLY B 241 5.26 5.83 -2.90
CA GLY B 241 6.07 5.94 -4.08
C GLY B 241 7.49 5.42 -3.97
N LYS B 242 7.78 4.52 -3.03
CA LYS B 242 9.12 4.02 -2.79
C LYS B 242 9.18 2.52 -3.06
N CYS B 243 10.33 2.07 -3.59
CA CYS B 243 10.61 0.65 -3.76
C CYS B 243 11.11 0.07 -2.44
N LEU B 244 10.38 -0.92 -1.92
CA LEU B 244 10.68 -1.48 -0.61
C LEU B 244 11.56 -2.72 -0.68
N LYS B 245 11.75 -3.31 -1.86
CA LYS B 245 12.59 -4.49 -2.05
C LYS B 245 12.73 -4.76 -3.54
N THR B 246 13.83 -5.41 -3.91
CA THR B 246 14.16 -5.68 -5.31
C THR B 246 14.85 -7.04 -5.41
N TYR B 247 14.19 -8.02 -6.01
CA TYR B 247 14.73 -9.36 -6.20
C TYR B 247 15.33 -9.48 -7.60
N THR B 248 16.43 -10.22 -7.71
CA THR B 248 17.13 -10.32 -8.99
C THR B 248 17.85 -11.66 -9.06
N GLY B 249 18.67 -11.81 -10.10
CA GLY B 249 19.38 -13.02 -10.41
C GLY B 249 18.88 -13.71 -11.67
N HIS B 250 17.59 -13.52 -11.98
CA HIS B 250 16.96 -14.24 -13.07
C HIS B 250 17.39 -13.65 -14.42
N LYS B 251 16.75 -14.08 -15.50
CA LYS B 251 17.01 -13.56 -16.85
C LYS B 251 15.70 -13.01 -17.39
N ASN B 252 15.63 -11.68 -17.53
CA ASN B 252 14.43 -11.05 -18.10
C ASN B 252 14.90 -9.84 -18.88
N GLU B 253 15.11 -10.02 -20.19
CA GLU B 253 15.60 -8.94 -21.04
C GLU B 253 14.73 -8.74 -22.26
N LYS B 254 14.06 -9.80 -22.72
CA LYS B 254 13.28 -9.71 -23.94
C LYS B 254 11.81 -10.08 -23.79
N TYR B 255 11.43 -10.87 -22.78
CA TYR B 255 10.10 -11.44 -22.71
C TYR B 255 9.35 -11.01 -21.46
N CYS B 256 8.02 -11.01 -21.56
CA CYS B 256 7.12 -10.54 -20.50
C CYS B 256 6.62 -11.73 -19.69
N ILE B 257 7.46 -12.13 -18.70
CA ILE B 257 7.16 -13.24 -17.80
C ILE B 257 6.19 -12.76 -16.73
N PHE B 258 5.15 -13.54 -16.50
CA PHE B 258 4.14 -13.23 -15.49
C PHE B 258 4.64 -13.79 -14.16
N ALA B 259 4.89 -12.91 -13.18
CA ALA B 259 5.39 -13.27 -11.87
C ALA B 259 4.26 -13.32 -10.86
N ASN B 260 4.51 -13.95 -9.71
CA ASN B 260 3.49 -14.15 -8.70
C ASN B 260 4.06 -14.05 -7.28
N PHE B 261 3.17 -13.75 -6.33
CA PHE B 261 3.41 -13.91 -4.90
C PHE B 261 3.12 -15.35 -4.47
N SER B 262 3.32 -15.65 -3.18
CA SER B 262 2.98 -16.97 -2.64
C SER B 262 2.70 -16.80 -1.15
N VAL B 263 1.41 -16.73 -0.78
CA VAL B 263 1.03 -16.50 0.61
C VAL B 263 0.28 -17.70 1.17
N THR B 264 0.58 -18.90 0.66
CA THR B 264 -0.06 -20.14 1.12
C THR B 264 0.72 -20.77 2.26
N GLY B 265 1.95 -21.18 2.00
CA GLY B 265 2.90 -21.51 3.04
C GLY B 265 3.67 -20.25 3.38
N GLY B 266 5.00 -20.31 3.33
CA GLY B 266 5.75 -19.09 3.51
C GLY B 266 5.36 -18.03 2.51
N LYS B 267 5.91 -16.83 2.71
CA LYS B 267 5.65 -15.70 1.82
C LYS B 267 6.84 -15.59 0.85
N TRP B 268 6.62 -16.03 -0.40
CA TRP B 268 7.64 -16.17 -1.44
C TRP B 268 7.40 -15.18 -2.58
N ILE B 269 8.34 -15.17 -3.53
CA ILE B 269 8.18 -14.48 -4.81
C ILE B 269 8.65 -15.43 -5.90
N VAL B 270 7.80 -15.68 -6.91
CA VAL B 270 8.06 -16.68 -7.93
C VAL B 270 7.94 -16.05 -9.31
N SER B 271 8.80 -16.46 -10.23
CA SER B 271 8.76 -15.92 -11.58
C SER B 271 9.58 -16.78 -12.53
N GLY B 272 9.05 -17.02 -13.72
CA GLY B 272 9.75 -17.76 -14.75
C GLY B 272 10.98 -16.99 -15.19
N SER B 273 11.61 -17.47 -16.24
CA SER B 273 12.82 -16.77 -16.69
C SER B 273 13.23 -17.20 -18.09
N GLU B 274 14.19 -16.45 -18.65
CA GLU B 274 14.69 -16.62 -20.01
C GLU B 274 15.94 -17.51 -20.11
N ASP B 275 16.31 -18.20 -19.03
CA ASP B 275 17.21 -19.34 -19.08
C ASP B 275 16.45 -20.63 -18.75
N ASN B 276 15.22 -20.71 -19.25
CA ASN B 276 14.24 -21.78 -19.12
C ASN B 276 14.15 -22.35 -17.71
N LEU B 277 14.35 -21.49 -16.71
CA LEU B 277 14.16 -21.84 -15.32
C LEU B 277 13.02 -21.02 -14.74
N VAL B 278 12.62 -21.39 -13.53
CA VAL B 278 11.68 -20.61 -12.72
C VAL B 278 12.35 -20.34 -11.38
N TYR B 279 12.63 -19.06 -11.10
CA TYR B 279 13.28 -18.68 -9.85
C TYR B 279 12.26 -18.36 -8.78
N ILE B 280 12.58 -18.70 -7.54
CA ILE B 280 11.81 -18.27 -6.37
C ILE B 280 12.75 -17.58 -5.39
N TRP B 281 12.35 -16.40 -4.93
CA TRP B 281 13.01 -15.71 -3.82
C TRP B 281 12.08 -15.63 -2.61
N ASN B 282 12.66 -15.20 -1.49
CA ASN B 282 11.91 -14.94 -0.26
C ASN B 282 11.30 -13.55 -0.32
N LEU B 283 10.01 -13.47 -0.03
CA LEU B 283 9.31 -12.20 -0.21
C LEU B 283 9.99 -11.10 0.60
N GLN B 284 10.25 -11.34 1.88
CA GLN B 284 10.73 -10.29 2.78
C GLN B 284 12.25 -10.29 2.98
N THR B 285 13.00 -11.16 2.27
CA THR B 285 14.46 -11.05 2.33
C THR B 285 15.14 -11.24 0.98
N LYS B 286 14.42 -11.15 -0.13
CA LYS B 286 15.01 -10.91 -1.45
C LYS B 286 16.02 -11.99 -1.86
N GLU B 287 16.12 -13.08 -1.11
CA GLU B 287 17.15 -14.09 -1.32
C GLU B 287 16.65 -15.26 -2.15
N ILE B 288 17.58 -15.92 -2.83
CA ILE B 288 17.22 -16.87 -3.88
C ILE B 288 16.89 -18.20 -3.24
N VAL B 289 15.66 -18.32 -2.74
CA VAL B 289 15.31 -19.44 -1.88
C VAL B 289 15.39 -20.76 -2.64
N GLN B 290 14.76 -20.82 -3.82
CA GLN B 290 14.60 -22.07 -4.53
C GLN B 290 14.70 -21.84 -6.04
N LYS B 291 15.18 -22.87 -6.74
CA LYS B 291 15.26 -22.84 -8.19
C LYS B 291 14.56 -24.09 -8.73
N LEU B 292 13.98 -23.97 -9.93
CA LEU B 292 13.29 -25.07 -10.58
C LEU B 292 13.63 -25.06 -12.07
N GLN B 293 14.51 -25.96 -12.49
CA GLN B 293 14.83 -26.13 -13.90
C GLN B 293 13.91 -27.18 -14.54
N GLY B 294 14.15 -27.46 -15.82
CA GLY B 294 13.44 -28.51 -16.53
C GLY B 294 12.93 -28.14 -17.91
N HIS B 295 12.45 -26.90 -18.07
CA HIS B 295 11.88 -26.45 -19.33
C HIS B 295 12.94 -26.45 -20.42
N THR B 296 12.49 -26.28 -21.66
CA THR B 296 13.40 -26.21 -22.80
C THR B 296 13.56 -24.80 -23.35
N ASP B 297 12.61 -23.92 -23.09
CA ASP B 297 12.66 -22.55 -23.59
C ASP B 297 12.26 -21.61 -22.45
N VAL B 298 12.23 -20.31 -22.77
CA VAL B 298 11.84 -19.30 -21.78
C VAL B 298 10.58 -19.74 -21.06
N VAL B 299 10.61 -19.72 -19.73
CA VAL B 299 9.41 -19.91 -18.94
C VAL B 299 8.67 -18.57 -18.91
N ILE B 300 7.55 -18.49 -19.63
CA ILE B 300 6.86 -17.22 -19.82
C ILE B 300 5.79 -16.99 -18.75
N SER B 301 5.21 -18.05 -18.19
CA SER B 301 4.10 -17.91 -17.26
C SER B 301 4.30 -18.80 -16.04
N THR B 302 3.79 -18.32 -14.91
CA THR B 302 3.66 -19.10 -13.69
C THR B 302 2.51 -18.54 -12.87
N ALA B 303 1.75 -19.44 -12.26
CA ALA B 303 0.73 -19.10 -11.26
C ALA B 303 0.89 -20.01 -10.07
N CYS B 304 0.28 -19.60 -8.95
CA CYS B 304 0.31 -20.33 -7.69
C CYS B 304 -1.12 -20.55 -7.21
N HIS B 305 -1.44 -21.79 -6.84
CA HIS B 305 -2.82 -22.13 -6.49
C HIS B 305 -3.28 -21.28 -5.31
N PRO B 306 -4.49 -20.69 -5.37
CA PRO B 306 -5.03 -19.95 -4.22
C PRO B 306 -4.81 -20.65 -2.88
N THR B 307 -5.29 -21.90 -2.76
CA THR B 307 -5.15 -22.63 -1.50
C THR B 307 -3.78 -23.29 -1.39
N GLU B 308 -3.52 -24.27 -2.25
CA GLU B 308 -2.41 -25.19 -2.05
C GLU B 308 -1.08 -24.52 -2.35
N ASN B 309 0.00 -25.24 -2.03
CA ASN B 309 1.34 -24.83 -2.37
C ASN B 309 1.72 -25.54 -3.67
N ILE B 310 1.22 -24.99 -4.77
CA ILE B 310 1.39 -25.53 -6.11
C ILE B 310 1.94 -24.44 -7.01
N ILE B 311 2.86 -24.82 -7.90
CA ILE B 311 3.43 -23.91 -8.89
C ILE B 311 3.14 -24.44 -10.29
N ALA B 312 2.59 -23.58 -11.14
CA ALA B 312 2.44 -23.87 -12.56
C ALA B 312 3.49 -23.08 -13.35
N SER B 313 3.81 -23.58 -14.54
CA SER B 313 4.87 -22.98 -15.34
C SER B 313 4.74 -23.40 -16.79
N ALA B 314 4.79 -22.42 -17.70
CA ALA B 314 4.64 -22.65 -19.13
C ALA B 314 5.73 -21.91 -19.89
N ALA B 315 6.17 -22.49 -21.01
CA ALA B 315 7.28 -22.02 -21.83
C ALA B 315 6.89 -21.95 -23.30
N LEU B 316 7.75 -21.31 -24.09
CA LEU B 316 7.44 -20.99 -25.48
C LEU B 316 7.69 -22.19 -26.39
N GLU B 317 7.72 -21.92 -27.71
CA GLU B 317 7.53 -22.98 -28.71
C GLU B 317 8.54 -24.09 -28.58
N ASN B 318 9.75 -23.80 -28.11
CA ASN B 318 10.72 -24.87 -27.97
C ASN B 318 10.34 -25.84 -26.85
N ASP B 319 9.36 -25.50 -26.03
CA ASP B 319 8.82 -26.41 -25.02
C ASP B 319 7.37 -26.75 -25.31
N LYS B 320 6.49 -25.76 -25.39
CA LYS B 320 5.07 -25.97 -25.69
C LYS B 320 4.38 -26.83 -24.64
N THR B 321 4.86 -26.82 -23.38
CA THR B 321 4.30 -27.66 -22.34
C THR B 321 4.10 -26.89 -21.05
N ILE B 322 3.22 -27.43 -20.22
CA ILE B 322 3.03 -26.96 -18.87
C ILE B 322 3.70 -27.97 -17.94
N LYS B 323 3.98 -27.53 -16.71
CA LYS B 323 4.60 -28.40 -15.72
C LYS B 323 4.17 -27.93 -14.34
N LEU B 324 3.90 -28.90 -13.46
CA LEU B 324 3.35 -28.63 -12.13
C LEU B 324 4.36 -28.98 -11.05
N TRP B 325 4.50 -28.10 -10.05
CA TRP B 325 5.37 -28.31 -8.90
C TRP B 325 4.58 -28.13 -7.61
N LYS B 326 4.71 -29.09 -6.69
CA LYS B 326 4.08 -29.01 -5.38
C LYS B 326 5.14 -28.89 -4.30
N SER B 327 4.91 -27.99 -3.35
CA SER B 327 5.78 -27.80 -2.21
C SER B 327 4.99 -28.02 -0.93
N ASP B 328 5.66 -28.59 0.07
CA ASP B 328 5.06 -28.80 1.39
C ASP B 328 4.87 -27.49 2.15
N CYS B 329 5.30 -26.36 1.59
CA CYS B 329 5.28 -25.07 2.32
C CYS B 329 5.27 -23.85 1.40
#